data_6I1W
#
_entry.id   6I1W
#
loop_
_entity.id
_entity.type
_entity.pdbx_description
1 polymer "RNA (5'-R(*UP*CP*AP*GP*(PSU)P*CP*AP*GP*U)-3')"
2 polymer "RNA (5'-R(*AP*CP*UP*GP*AP*CP*UP*GP*A)-3')"
#
loop_
_entity_poly.entity_id
_entity_poly.type
_entity_poly.pdbx_seq_one_letter_code
_entity_poly.pdbx_strand_id
1 'polyribonucleotide' UCAG(PSU)CAGU A
2 'polyribonucleotide' ACUGACUGA B
#